data_5IIK
#
_entry.id   5IIK
#
_cell.length_a   56.182
_cell.length_b   63.475
_cell.length_c   140.369
_cell.angle_alpha   90.00
_cell.angle_beta   90.00
_cell.angle_gamma   90.00
#
_symmetry.space_group_name_H-M   'P 21 21 21'
#
loop_
_entity.id
_entity.type
_entity.pdbx_description
1 polymer 'DNA polymerase lambda'
2 polymer "DNA (5'-D(P*GP*CP*CP*G)-3')"
3 polymer "DNA (5'-D(*CP*AP*GP*TP*AP*CP*T)-3')"
4 polymer "DNA (5'-D(*CP*GP*GP*CP*AP*(8OG)P*TP*AP*CP*TP*G)-3')"
5 non-polymer 'CITRIC ACID'
6 non-polymer 'SODIUM ION'
7 water water
#
loop_
_entity_poly.entity_id
_entity_poly.type
_entity_poly.pdbx_seq_one_letter_code
_entity_poly.pdbx_strand_id
1 'polypeptide(L)'
;AQPSSQKATNHNLHITEKLEVLAKAYSVQGDKWRALGYAKAINALKSFHKPVTSYQEACSIPGIGKRMAEKIIEILESGH
LRKLDHISESVPVLELFSNIWGAGTKTAQMWYQQGFRSLEDIRSQASLTTQQAIGLKHYSDFLERMPREEATEIEQTVQK
AAQAFNSGLLCVACGSYRRGKATCGDVDVLITHPDGRSHRGIFSRLLDSLRQEGFLTDDLVSQEENGQQQKYLGVCRLPG
PGRRHRRLDIIVVPYSEFACALLYFTGSAHFNRSMRALAKTKGMSLSEHALSTAVVRNTHGCKVGPGRVLPTPTEKDVFR
LLGLPYREPAERDW
;
A
2 'polydeoxyribonucleotide' (DG)(DC)(DC)(DG) D
3 'polydeoxyribonucleotide' (DC)(DA)(DG)(DT)(DA)(DC)(DT) P
4 'polydeoxyribonucleotide' (DC)(DG)(DG)(DC)(DA)(8OG)(DT)(DA)(DC)(DT)(DG) T
#
loop_
_chem_comp.id
_chem_comp.type
_chem_comp.name
_chem_comp.formula
8OG DNA linking 8-OXO-2'-DEOXY-GUANOSINE-5'-MONOPHOSPHATE 'C10 H14 N5 O8 P'
CIT non-polymer 'CITRIC ACID' 'C6 H8 O7'
DA DNA linking 2'-DEOXYADENOSINE-5'-MONOPHOSPHATE 'C10 H14 N5 O6 P'
DC DNA linking 2'-DEOXYCYTIDINE-5'-MONOPHOSPHATE 'C9 H14 N3 O7 P'
DG DNA linking 2'-DEOXYGUANOSINE-5'-MONOPHOSPHATE 'C10 H14 N5 O7 P'
DT DNA linking THYMIDINE-5'-MONOPHOSPHATE 'C10 H15 N2 O8 P'
NA non-polymer 'SODIUM ION' 'Na 1'
#
# COMPACT_ATOMS: atom_id res chain seq x y z
CA THR A 9 21.54 7.98 4.15
C THR A 9 21.93 6.52 3.97
N ASN A 10 21.67 5.70 5.00
CA ASN A 10 21.11 6.15 6.27
C ASN A 10 22.21 6.44 7.28
N HIS A 11 22.29 7.70 7.71
CA HIS A 11 23.32 8.14 8.64
C HIS A 11 22.81 8.23 10.07
N ASN A 12 21.64 7.65 10.32
CA ASN A 12 21.04 7.70 11.63
C ASN A 12 20.38 6.38 12.03
N LEU A 13 20.98 5.29 11.56
CA LEU A 13 20.42 3.94 11.74
C LEU A 13 20.12 3.64 13.19
N HIS A 14 21.00 4.07 14.10
CA HIS A 14 20.82 3.82 15.52
C HIS A 14 19.55 4.48 16.03
N ILE A 15 19.28 5.65 15.49
CA ILE A 15 18.14 6.44 15.92
C ILE A 15 16.84 5.91 15.32
N THR A 16 16.80 5.76 13.99
CA THR A 16 15.56 5.34 13.34
C THR A 16 15.10 3.95 13.79
N GLU A 17 16.04 3.00 13.89
CA GLU A 17 15.72 1.66 14.35
C GLU A 17 14.91 1.66 15.65
N LYS A 18 15.31 2.54 16.56
CA LYS A 18 14.62 2.63 17.85
C LYS A 18 13.24 3.28 17.65
N LEU A 19 13.18 4.30 16.81
CA LEU A 19 11.91 4.99 16.57
C LEU A 19 10.92 4.09 15.84
N GLU A 20 11.44 3.17 15.02
CA GLU A 20 10.57 2.32 14.23
C GLU A 20 9.83 1.37 15.11
N VAL A 21 10.51 0.89 16.15
CA VAL A 21 9.92 0.00 17.14
C VAL A 21 8.72 0.69 17.77
N LEU A 22 8.93 1.93 18.20
CA LEU A 22 7.86 2.71 18.82
C LEU A 22 6.73 2.97 17.82
N ALA A 23 7.10 3.32 16.59
CA ALA A 23 6.13 3.58 15.52
C ALA A 23 5.18 2.41 15.25
N LYS A 24 5.74 1.21 15.06
CA LYS A 24 4.93 0.01 14.83
C LYS A 24 4.06 -0.31 16.02
N ALA A 25 4.59 -0.06 17.22
CA ALA A 25 3.82 -0.23 18.45
C ALA A 25 2.57 0.64 18.45
N TYR A 26 2.72 1.92 18.16
CA TYR A 26 1.56 2.80 18.07
C TYR A 26 0.60 2.34 16.97
N SER A 27 1.15 1.95 15.82
CA SER A 27 0.30 1.54 14.70
C SER A 27 -0.58 0.36 15.05
N VAL A 28 0.02 -0.66 15.68
CA VAL A 28 -0.69 -1.90 15.93
C VAL A 28 -1.68 -1.75 17.09
N GLN A 29 -1.44 -0.75 17.93
CA GLN A 29 -2.39 -0.44 19.00
C GLN A 29 -3.51 0.48 18.52
N GLY A 30 -3.43 0.90 17.25
CA GLY A 30 -4.50 1.66 16.61
C GLY A 30 -4.29 3.16 16.60
N ASP A 31 -3.20 3.64 17.19
CA ASP A 31 -2.99 5.09 17.24
C ASP A 31 -2.41 5.57 15.92
N LYS A 32 -3.27 5.62 14.89
CA LYS A 32 -2.77 5.78 13.52
C LYS A 32 -2.16 7.18 13.24
N TRP A 33 -2.62 8.22 13.93
CA TRP A 33 -2.08 9.54 13.62
C TRP A 33 -0.73 9.73 14.33
N ARG A 34 -0.62 9.24 15.55
CA ARG A 34 0.68 9.33 16.21
C ARG A 34 1.68 8.53 15.40
N ALA A 35 1.26 7.35 14.96
CA ALA A 35 2.11 6.48 14.14
C ALA A 35 2.48 7.15 12.81
N LEU A 36 1.55 7.88 12.22
CA LEU A 36 1.83 8.63 10.98
C LEU A 36 2.94 9.65 11.20
N GLY A 37 2.84 10.41 12.29
CA GLY A 37 3.89 11.37 12.65
C GLY A 37 5.27 10.74 12.80
N TYR A 38 5.35 9.62 13.50
CA TYR A 38 6.61 8.91 13.65
C TYR A 38 7.15 8.47 12.29
N ALA A 39 6.25 8.01 11.42
CA ALA A 39 6.66 7.53 10.10
C ALA A 39 7.34 8.61 9.28
N LYS A 40 6.81 9.83 9.33
CA LYS A 40 7.35 10.92 8.55
C LYS A 40 8.67 11.40 9.15
N ALA A 41 8.75 11.41 10.48
CA ALA A 41 9.99 11.75 11.18
C ALA A 41 11.09 10.77 10.86
N ILE A 42 10.74 9.48 10.81
CA ILE A 42 11.69 8.42 10.57
C ILE A 42 12.24 8.49 9.15
N ASN A 43 11.36 8.79 8.20
CA ASN A 43 11.80 8.95 6.82
C ASN A 43 12.72 10.15 6.67
N ALA A 44 12.33 11.27 7.28
CA ALA A 44 13.13 12.48 7.28
C ALA A 44 14.53 12.23 7.85
N LEU A 45 14.63 11.31 8.80
CA LEU A 45 15.92 10.95 9.39
C LEU A 45 16.70 10.02 8.48
N LYS A 46 16.01 9.08 7.85
CA LYS A 46 16.66 8.21 6.87
C LYS A 46 17.20 9.00 5.68
N SER A 47 16.61 10.17 5.44
CA SER A 47 16.91 10.97 4.24
C SER A 47 17.98 12.03 4.48
N PHE A 48 18.33 12.26 5.74
CA PHE A 48 19.22 13.35 6.08
C PHE A 48 20.68 13.08 5.66
N HIS A 49 21.36 14.14 5.23
CA HIS A 49 22.69 14.04 4.62
C HIS A 49 23.78 13.65 5.61
N LYS A 50 23.52 13.90 6.88
CA LYS A 50 24.53 13.63 7.91
C LYS A 50 23.88 13.00 9.15
N PRO A 51 24.72 12.43 10.03
CA PRO A 51 24.20 12.10 11.35
C PRO A 51 23.70 13.35 12.05
N VAL A 52 22.49 13.30 12.59
CA VAL A 52 21.98 14.40 13.39
C VAL A 52 22.70 14.35 14.73
N THR A 53 23.19 15.50 15.19
CA THR A 53 24.03 15.54 16.38
C THR A 53 23.52 16.51 17.45
N SER A 54 22.66 17.45 17.05
CA SER A 54 22.15 18.47 17.97
C SER A 54 20.62 18.44 18.09
N TYR A 55 20.11 18.90 19.24
CA TYR A 55 18.68 19.13 19.42
C TYR A 55 18.18 20.15 18.41
N GLN A 56 18.91 21.26 18.29
CA GLN A 56 18.57 22.33 17.36
C GLN A 56 18.56 21.81 15.93
N GLU A 57 19.51 20.92 15.64
CA GLU A 57 19.63 20.38 14.30
C GLU A 57 18.50 19.42 13.98
N ALA A 58 18.01 18.72 15.01
CA ALA A 58 16.89 17.80 14.84
C ALA A 58 15.63 18.58 14.49
N CYS A 59 15.40 19.69 15.19
CA CYS A 59 14.24 20.53 14.95
C CYS A 59 14.25 21.18 13.57
N SER A 60 15.43 21.34 12.98
CA SER A 60 15.55 22.02 11.69
C SER A 60 14.92 21.22 10.56
N ILE A 61 14.86 19.90 10.77
CA ILE A 61 14.39 19.00 9.72
C ILE A 61 12.87 18.93 9.69
N PRO A 62 12.28 19.11 8.49
CA PRO A 62 10.83 18.99 8.30
C PRO A 62 10.31 17.60 8.66
N GLY A 63 9.28 17.57 9.50
CA GLY A 63 8.72 16.32 9.98
C GLY A 63 9.22 16.01 11.37
N ILE A 64 10.12 16.84 11.89
CA ILE A 64 10.67 16.63 13.22
C ILE A 64 10.41 17.87 14.08
N GLY A 65 9.59 17.71 15.12
CA GLY A 65 9.28 18.78 16.03
C GLY A 65 10.03 18.62 17.34
N LYS A 66 9.72 19.51 18.29
CA LYS A 66 10.43 19.52 19.57
C LYS A 66 10.36 18.19 20.28
N ARG A 67 9.16 17.58 20.30
CA ARG A 67 8.99 16.29 20.96
C ARG A 67 9.80 15.16 20.32
N MET A 68 9.81 15.06 18.99
CA MET A 68 10.61 14.01 18.35
C MET A 68 12.11 14.28 18.51
N ALA A 69 12.49 15.56 18.52
CA ALA A 69 13.87 15.96 18.75
C ALA A 69 14.40 15.50 20.11
N GLU A 70 13.57 15.61 21.14
CA GLU A 70 13.93 15.17 22.47
C GLU A 70 14.24 13.68 22.48
N LYS A 71 13.44 12.90 21.77
CA LYS A 71 13.65 11.46 21.68
C LYS A 71 14.95 11.16 20.95
N ILE A 72 15.26 11.97 19.95
CA ILE A 72 16.45 11.76 19.15
C ILE A 72 17.72 11.97 19.98
N ILE A 73 17.80 13.09 20.68
CA ILE A 73 18.99 13.36 21.47
C ILE A 73 19.07 12.48 22.72
N GLU A 74 17.94 11.94 23.18
CA GLU A 74 17.98 11.01 24.31
C GLU A 74 18.67 9.73 23.86
N ILE A 75 18.36 9.32 22.63
CA ILE A 75 19.03 8.19 22.01
C ILE A 75 20.50 8.52 21.78
N LEU A 76 20.76 9.74 21.33
CA LEU A 76 22.13 10.18 21.04
C LEU A 76 23.03 10.18 22.27
N GLU A 77 22.49 10.67 23.38
CA GLU A 77 23.29 10.82 24.59
C GLU A 77 23.34 9.56 25.45
N SER A 78 22.27 8.76 25.42
CA SER A 78 22.19 7.60 26.30
C SER A 78 22.28 6.25 25.57
N GLY A 79 22.02 6.26 24.27
CA GLY A 79 22.00 5.03 23.50
C GLY A 79 20.75 4.21 23.72
N HIS A 80 19.79 4.78 24.45
CA HIS A 80 18.51 4.11 24.70
C HIS A 80 17.35 5.11 24.64
N LEU A 81 16.15 4.57 24.44
CA LEU A 81 14.94 5.36 24.52
C LEU A 81 14.08 4.74 25.62
N ARG A 82 13.83 5.51 26.67
CA ARG A 82 13.17 4.98 27.86
C ARG A 82 11.75 4.51 27.54
N LYS A 83 11.10 5.22 26.61
CA LYS A 83 9.76 4.90 26.15
C LYS A 83 9.66 3.45 25.67
N LEU A 84 10.73 2.96 25.04
CA LEU A 84 10.78 1.59 24.53
C LEU A 84 10.62 0.53 25.60
N ASP A 85 11.08 0.84 26.81
CA ASP A 85 11.04 -0.12 27.91
C ASP A 85 9.66 -0.26 28.50
N HIS A 86 8.78 0.67 28.16
CA HIS A 86 7.44 0.71 28.75
C HIS A 86 6.36 0.43 27.72
N ILE A 87 6.75 -0.21 26.62
CA ILE A 87 5.81 -0.64 25.61
C ILE A 87 5.02 -1.81 26.19
N SER A 88 3.71 -1.87 25.93
CA SER A 88 2.89 -2.99 26.43
C SER A 88 3.43 -4.33 25.96
N GLU A 89 3.31 -5.34 26.81
CA GLU A 89 3.85 -6.65 26.47
C GLU A 89 3.01 -7.30 25.37
N SER A 90 1.85 -6.71 25.11
CA SER A 90 0.93 -7.23 24.10
C SER A 90 1.39 -6.93 22.67
N VAL A 91 2.24 -5.94 22.51
CA VAL A 91 2.57 -5.45 21.16
C VAL A 91 3.15 -6.53 20.24
N PRO A 92 4.11 -7.35 20.71
CA PRO A 92 4.56 -8.44 19.84
C PRO A 92 3.42 -9.33 19.33
N VAL A 93 2.53 -9.74 20.23
CA VAL A 93 1.40 -10.60 19.87
C VAL A 93 0.43 -9.88 18.92
N LEU A 94 0.18 -8.61 19.22
CA LEU A 94 -0.68 -7.80 18.36
C LEU A 94 -0.14 -7.72 16.94
N GLU A 95 1.18 -7.64 16.82
CA GLU A 95 1.81 -7.52 15.51
C GLU A 95 1.73 -8.86 14.80
N LEU A 96 1.89 -9.93 15.58
CA LEU A 96 1.76 -11.27 15.01
C LEU A 96 0.36 -11.44 14.41
N PHE A 97 -0.67 -11.04 15.17
CA PHE A 97 -2.06 -11.25 14.75
C PHE A 97 -2.38 -10.35 13.57
N SER A 98 -1.94 -9.10 13.65
CA SER A 98 -2.25 -8.09 12.66
C SER A 98 -1.60 -8.41 11.31
N ASN A 99 -0.56 -9.24 11.32
CA ASN A 99 0.06 -9.67 10.06
C ASN A 99 -0.72 -10.77 9.37
N ILE A 100 -1.85 -11.17 9.94
CA ILE A 100 -2.80 -12.01 9.23
C ILE A 100 -3.61 -11.13 8.27
N TRP A 101 -3.60 -11.44 6.98
CA TRP A 101 -4.35 -10.66 5.98
C TRP A 101 -5.83 -10.66 6.34
N GLY A 102 -6.44 -9.48 6.44
CA GLY A 102 -7.85 -9.41 6.77
C GLY A 102 -8.08 -9.12 8.23
N ALA A 103 -7.03 -9.23 9.04
CA ALA A 103 -7.13 -8.82 10.44
C ALA A 103 -6.35 -7.52 10.63
N GLY A 104 -6.96 -6.56 11.30
CA GLY A 104 -6.30 -5.32 11.65
C GLY A 104 -6.20 -5.12 13.15
N THR A 105 -5.96 -3.89 13.57
CA THR A 105 -5.86 -3.56 15.00
C THR A 105 -7.06 -4.03 15.82
N LYS A 106 -8.26 -3.77 15.32
CA LYS A 106 -9.46 -4.11 16.06
C LYS A 106 -9.55 -5.61 16.31
N THR A 107 -9.24 -6.40 15.29
CA THR A 107 -9.37 -7.85 15.43
C THR A 107 -8.23 -8.40 16.29
N ALA A 108 -7.02 -7.89 16.06
CA ALA A 108 -5.87 -8.29 16.87
C ALA A 108 -6.10 -8.00 18.36
N GLN A 109 -6.65 -6.83 18.66
CA GLN A 109 -6.92 -6.50 20.06
C GLN A 109 -8.03 -7.36 20.69
N MET A 110 -9.02 -7.74 19.90
CA MET A 110 -10.10 -8.60 20.38
C MET A 110 -9.56 -9.99 20.72
N TRP A 111 -8.80 -10.57 19.79
CA TRP A 111 -8.20 -11.87 19.96
C TRP A 111 -7.29 -11.91 21.19
N TYR A 112 -6.50 -10.85 21.38
CA TYR A 112 -5.65 -10.71 22.56
C TYR A 112 -6.47 -10.67 23.85
N GLN A 113 -7.50 -9.83 23.88
CA GLN A 113 -8.36 -9.75 25.06
C GLN A 113 -9.03 -11.09 25.33
N GLN A 114 -9.36 -11.84 24.27
CA GLN A 114 -9.95 -13.17 24.41
C GLN A 114 -8.93 -14.22 24.88
N GLY A 115 -7.68 -13.82 25.11
CA GLY A 115 -6.70 -14.73 25.67
C GLY A 115 -5.72 -15.38 24.70
N PHE A 116 -5.89 -15.13 23.41
CA PHE A 116 -5.05 -15.79 22.39
C PHE A 116 -3.67 -15.13 22.32
N ARG A 117 -2.63 -15.95 22.17
CA ARG A 117 -1.26 -15.43 22.19
C ARG A 117 -0.39 -15.94 21.03
N SER A 118 -0.90 -16.88 20.25
CA SER A 118 -0.10 -17.50 19.21
C SER A 118 -0.98 -17.78 18.02
N LEU A 119 -0.36 -18.05 16.86
CA LEU A 119 -1.14 -18.41 15.69
C LEU A 119 -1.85 -19.73 15.90
N GLU A 120 -1.25 -20.59 16.72
CA GLU A 120 -1.87 -21.84 17.13
C GLU A 120 -3.17 -21.61 17.92
N ASP A 121 -3.11 -20.69 18.87
CA ASP A 121 -4.32 -20.22 19.55
C ASP A 121 -5.38 -19.75 18.54
N ILE A 122 -4.96 -18.92 17.58
CA ILE A 122 -5.88 -18.40 16.59
C ILE A 122 -6.50 -19.52 15.77
N ARG A 123 -5.64 -20.36 15.18
CA ARG A 123 -6.08 -21.48 14.36
C ARG A 123 -7.09 -22.40 15.05
N SER A 124 -6.91 -22.63 16.34
CA SER A 124 -7.71 -23.64 17.02
C SER A 124 -8.91 -23.06 17.75
N GLN A 125 -8.84 -21.79 18.13
CA GLN A 125 -9.86 -21.26 19.04
C GLN A 125 -10.57 -20.00 18.54
N ALA A 126 -9.95 -19.31 17.61
CA ALA A 126 -10.45 -18.01 17.21
C ALA A 126 -11.47 -18.13 16.11
N SER A 127 -12.35 -17.14 16.08
CA SER A 127 -13.30 -16.95 15.01
C SER A 127 -12.62 -16.19 13.89
N LEU A 128 -12.57 -16.80 12.70
CA LEU A 128 -11.90 -16.22 11.55
C LEU A 128 -12.89 -15.94 10.44
N THR A 129 -12.81 -14.74 9.88
CA THR A 129 -13.53 -14.43 8.64
C THR A 129 -12.99 -15.30 7.52
N THR A 130 -13.70 -15.35 6.41
CA THR A 130 -13.23 -16.12 5.27
C THR A 130 -11.85 -15.64 4.78
N GLN A 131 -11.67 -14.32 4.72
CA GLN A 131 -10.38 -13.73 4.34
C GLN A 131 -9.28 -14.11 5.32
N GLN A 132 -9.56 -13.96 6.62
CA GLN A 132 -8.55 -14.21 7.64
C GLN A 132 -8.07 -15.65 7.68
N ALA A 133 -9.00 -16.60 7.44
CA ALA A 133 -8.61 -18.00 7.31
C ALA A 133 -7.62 -18.23 6.15
N ILE A 134 -7.83 -17.52 5.05
CA ILE A 134 -6.95 -17.62 3.88
C ILE A 134 -5.59 -16.98 4.20
N GLY A 135 -5.65 -15.85 4.89
CA GLY A 135 -4.45 -15.17 5.31
C GLY A 135 -3.61 -16.05 6.23
N LEU A 136 -4.28 -16.75 7.15
CA LEU A 136 -3.62 -17.61 8.10
C LEU A 136 -2.97 -18.79 7.37
N LYS A 137 -3.73 -19.40 6.45
CA LYS A 137 -3.24 -20.50 5.64
C LYS A 137 -1.98 -20.12 4.86
N HIS A 138 -1.83 -18.84 4.52
CA HIS A 138 -0.67 -18.38 3.77
C HIS A 138 0.17 -17.41 4.56
N TYR A 139 0.21 -17.57 5.88
CA TYR A 139 0.82 -16.55 6.73
C TYR A 139 2.28 -16.20 6.35
N SER A 140 3.13 -17.22 6.22
CA SER A 140 4.53 -16.98 5.83
C SER A 140 4.66 -16.39 4.41
N ASP A 141 3.95 -16.99 3.46
CA ASP A 141 4.02 -16.54 2.09
C ASP A 141 3.62 -15.08 1.94
N PHE A 142 2.64 -14.64 2.71
CA PHE A 142 2.17 -13.27 2.59
C PHE A 142 3.15 -12.28 3.23
N LEU A 143 4.17 -12.78 3.92
CA LEU A 143 5.19 -11.89 4.46
C LEU A 143 6.47 -11.91 3.62
N GLU A 144 6.54 -12.80 2.64
CA GLU A 144 7.72 -12.90 1.76
C GLU A 144 7.59 -11.95 0.58
N ARG A 145 8.72 -11.49 0.05
CA ARG A 145 8.69 -10.70 -1.18
C ARG A 145 9.17 -11.62 -2.30
N MET A 146 8.65 -11.43 -3.50
CA MET A 146 9.11 -12.22 -4.66
C MET A 146 10.15 -11.43 -5.47
N PRO A 147 11.05 -12.13 -6.17
CA PRO A 147 11.95 -11.40 -7.08
C PRO A 147 11.14 -10.79 -8.22
N ARG A 148 11.58 -9.63 -8.71
CA ARG A 148 10.72 -8.91 -9.66
C ARG A 148 10.51 -9.72 -10.94
N GLU A 149 11.47 -10.58 -11.26
CA GLU A 149 11.32 -11.46 -12.41
C GLU A 149 10.10 -12.37 -12.27
N GLU A 150 9.76 -12.73 -11.04
CA GLU A 150 8.57 -13.55 -10.81
C GLU A 150 7.31 -12.71 -11.03
N ALA A 151 7.37 -11.44 -10.66
CA ALA A 151 6.24 -10.55 -10.90
C ALA A 151 5.97 -10.44 -12.40
N THR A 152 7.05 -10.38 -13.19
CA THR A 152 6.91 -10.36 -14.64
C THR A 152 6.14 -11.58 -15.15
N GLU A 153 6.47 -12.75 -14.63
CA GLU A 153 5.81 -13.98 -15.06
C GLU A 153 4.34 -13.99 -14.67
N ILE A 154 4.03 -13.41 -13.51
CA ILE A 154 2.63 -13.31 -13.10
C ILE A 154 1.88 -12.30 -13.96
N GLU A 155 2.49 -11.15 -14.20
CA GLU A 155 1.85 -10.15 -15.07
C GLU A 155 1.57 -10.75 -16.44
N GLN A 156 2.55 -11.47 -16.99
CA GLN A 156 2.41 -12.10 -18.31
C GLN A 156 1.29 -13.14 -18.32
N THR A 157 1.14 -13.85 -17.22
CA THR A 157 0.08 -14.83 -17.09
C THR A 157 -1.28 -14.13 -17.15
N VAL A 158 -1.39 -12.98 -16.49
CA VAL A 158 -2.67 -12.27 -16.49
C VAL A 158 -2.89 -11.66 -17.88
N GLN A 159 -1.83 -11.05 -18.44
CA GLN A 159 -1.94 -10.40 -19.75
C GLN A 159 -2.34 -11.37 -20.87
N LYS A 160 -1.70 -12.54 -20.91
CA LYS A 160 -2.03 -13.51 -21.94
C LYS A 160 -3.46 -14.00 -21.81
N ALA A 161 -3.95 -14.14 -20.58
CA ALA A 161 -5.31 -14.60 -20.37
C ALA A 161 -6.30 -13.53 -20.84
N ALA A 162 -5.97 -12.27 -20.53
CA ALA A 162 -6.85 -11.16 -20.92
C ALA A 162 -6.90 -10.98 -22.43
N GLN A 163 -5.71 -10.88 -23.03
CA GLN A 163 -5.56 -10.61 -24.46
C GLN A 163 -6.09 -11.76 -25.31
N ALA A 164 -6.18 -12.94 -24.71
CA ALA A 164 -6.69 -14.12 -25.39
C ALA A 164 -8.14 -13.91 -25.85
N PHE A 165 -8.94 -13.22 -25.05
CA PHE A 165 -10.33 -13.00 -25.44
C PHE A 165 -10.60 -11.56 -25.86
N ASN A 166 -9.65 -10.66 -25.60
CA ASN A 166 -9.64 -9.35 -26.25
C ASN A 166 -8.22 -8.87 -26.40
N SER A 167 -7.72 -8.93 -27.63
CA SER A 167 -6.34 -8.64 -27.93
C SER A 167 -6.00 -7.16 -27.73
N GLY A 168 -7.02 -6.31 -27.66
CA GLY A 168 -6.80 -4.89 -27.49
C GLY A 168 -6.54 -4.49 -26.05
N LEU A 169 -6.76 -5.40 -25.10
CA LEU A 169 -6.60 -5.08 -23.69
C LEU A 169 -5.16 -4.79 -23.31
N LEU A 170 -4.97 -3.63 -22.70
CA LEU A 170 -3.69 -3.20 -22.18
C LEU A 170 -3.53 -3.61 -20.70
N CYS A 171 -2.43 -4.28 -20.39
CA CYS A 171 -2.13 -4.71 -19.02
C CYS A 171 -0.76 -4.18 -18.61
N VAL A 172 -0.65 -3.69 -17.39
CA VAL A 172 0.64 -3.20 -16.92
C VAL A 172 0.81 -3.45 -15.42
N ALA A 173 1.98 -3.94 -15.03
CA ALA A 173 2.28 -4.16 -13.63
C ALA A 173 2.69 -2.86 -12.99
N CYS A 174 2.11 -2.56 -11.82
CA CYS A 174 2.33 -1.27 -11.21
C CYS A 174 3.04 -1.49 -9.86
N GLY A 175 2.62 -0.74 -8.84
CA GLY A 175 3.25 -0.82 -7.52
C GLY A 175 4.77 -0.81 -7.51
N SER A 176 5.35 -1.59 -6.60
CA SER A 176 6.80 -1.65 -6.43
C SER A 176 7.48 -2.11 -7.71
N TYR A 177 6.78 -2.91 -8.50
CA TYR A 177 7.33 -3.40 -9.75
C TYR A 177 7.65 -2.25 -10.70
N ARG A 178 6.63 -1.43 -10.99
CA ARG A 178 6.81 -0.31 -11.89
C ARG A 178 7.81 0.69 -11.32
N ARG A 179 7.88 0.78 -10.00
CA ARG A 179 8.86 1.68 -9.38
C ARG A 179 10.29 1.10 -9.38
N GLY A 180 10.46 -0.09 -9.94
CA GLY A 180 11.77 -0.61 -10.22
C GLY A 180 12.43 -1.37 -9.09
N LYS A 181 11.66 -1.76 -8.08
CA LYS A 181 12.24 -2.46 -6.93
C LYS A 181 12.73 -3.86 -7.35
N ALA A 182 13.75 -4.37 -6.67
CA ALA A 182 14.28 -5.70 -7.00
C ALA A 182 13.30 -6.80 -6.61
N THR A 183 12.54 -6.56 -5.54
CA THR A 183 11.56 -7.54 -5.10
C THR A 183 10.20 -6.89 -4.87
N CYS A 184 9.14 -7.68 -4.94
CA CYS A 184 7.77 -7.20 -4.88
C CYS A 184 6.95 -7.95 -3.84
N GLY A 185 6.17 -7.21 -3.06
CA GLY A 185 5.31 -7.80 -2.05
C GLY A 185 4.19 -8.56 -2.72
N ASP A 186 3.72 -8.02 -3.84
CA ASP A 186 2.62 -8.63 -4.58
C ASP A 186 2.74 -8.18 -6.03
N VAL A 187 1.78 -8.56 -6.85
CA VAL A 187 1.72 -8.03 -8.21
C VAL A 187 0.43 -7.22 -8.41
N ASP A 188 0.61 -5.97 -8.83
CA ASP A 188 -0.47 -5.04 -9.11
C ASP A 188 -0.71 -4.93 -10.60
N VAL A 189 -1.77 -5.55 -11.10
CA VAL A 189 -2.03 -5.47 -12.53
C VAL A 189 -3.17 -4.52 -12.85
N LEU A 190 -2.86 -3.45 -13.59
CA LEU A 190 -3.86 -2.53 -14.10
C LEU A 190 -4.24 -2.93 -15.52
N ILE A 191 -5.54 -3.01 -15.78
CA ILE A 191 -6.06 -3.39 -17.08
C ILE A 191 -7.02 -2.34 -17.59
N THR A 192 -6.87 -1.96 -18.85
CA THR A 192 -7.78 -1.01 -19.48
C THR A 192 -7.91 -1.30 -20.97
N HIS A 193 -8.82 -0.61 -21.65
CA HIS A 193 -8.95 -0.74 -23.09
C HIS A 193 -9.02 0.63 -23.76
N PRO A 194 -8.13 0.89 -24.73
CA PRO A 194 -8.02 2.21 -25.35
C PRO A 194 -9.19 2.60 -26.27
N ASP A 195 -10.16 1.71 -26.48
CA ASP A 195 -11.31 2.13 -27.28
C ASP A 195 -12.32 2.89 -26.40
N GLY A 196 -12.59 2.40 -25.20
CA GLY A 196 -13.44 3.14 -24.27
C GLY A 196 -14.71 2.46 -23.79
N ARG A 197 -14.98 1.25 -24.25
CA ARG A 197 -16.23 0.58 -23.90
C ARG A 197 -16.06 -0.91 -23.59
N SER A 198 -14.95 -1.48 -24.05
CA SER A 198 -14.74 -2.94 -24.02
C SER A 198 -14.51 -3.51 -22.62
N HIS A 199 -13.86 -2.72 -21.77
CA HIS A 199 -13.54 -3.11 -20.39
C HIS A 199 -14.76 -3.55 -19.55
N ARG A 200 -15.95 -3.50 -20.15
CA ARG A 200 -17.18 -3.84 -19.45
C ARG A 200 -17.49 -5.34 -19.52
N GLY A 201 -17.33 -6.03 -18.38
CA GLY A 201 -17.62 -7.44 -18.28
C GLY A 201 -16.41 -8.35 -18.34
N ILE A 202 -15.21 -7.79 -18.24
CA ILE A 202 -14.02 -8.58 -18.48
C ILE A 202 -13.50 -9.35 -17.26
N PHE A 203 -13.87 -8.91 -16.04
CA PHE A 203 -13.41 -9.62 -14.85
C PHE A 203 -13.89 -11.07 -14.88
N SER A 204 -15.17 -11.26 -15.17
CA SER A 204 -15.74 -12.61 -15.19
C SER A 204 -14.99 -13.51 -16.16
N ARG A 205 -14.76 -13.03 -17.37
CA ARG A 205 -14.03 -13.80 -18.36
C ARG A 205 -12.59 -14.06 -17.90
N LEU A 206 -11.91 -13.02 -17.43
CA LEU A 206 -10.52 -13.14 -17.00
C LEU A 206 -10.36 -14.09 -15.81
N LEU A 207 -11.17 -13.90 -14.78
CA LEU A 207 -11.07 -14.75 -13.60
C LEU A 207 -11.39 -16.21 -13.92
N ASP A 208 -12.33 -16.46 -14.82
CA ASP A 208 -12.66 -17.84 -15.15
C ASP A 208 -11.53 -18.49 -15.96
N SER A 209 -10.91 -17.72 -16.83
CA SER A 209 -9.78 -18.22 -17.61
C SER A 209 -8.60 -18.55 -16.69
N LEU A 210 -8.34 -17.70 -15.70
CA LEU A 210 -7.23 -17.94 -14.78
C LEU A 210 -7.51 -19.07 -13.80
N ARG A 211 -8.79 -19.31 -13.51
CA ARG A 211 -9.15 -20.45 -12.68
C ARG A 211 -9.01 -21.77 -13.44
N GLN A 212 -9.38 -21.73 -14.71
CA GLN A 212 -9.37 -22.90 -15.56
C GLN A 212 -7.96 -23.44 -15.78
N GLU A 213 -6.97 -22.57 -15.75
CA GLU A 213 -5.60 -23.05 -15.86
C GLU A 213 -4.97 -23.24 -14.48
N GLY A 214 -5.81 -23.25 -13.45
CA GLY A 214 -5.36 -23.49 -12.09
C GLY A 214 -4.41 -22.47 -11.46
N PHE A 215 -4.42 -21.24 -11.97
CA PHE A 215 -3.44 -20.21 -11.57
C PHE A 215 -3.84 -19.50 -10.28
N LEU A 216 -5.13 -19.19 -10.16
CA LEU A 216 -5.67 -18.59 -8.95
C LEU A 216 -5.95 -19.68 -7.93
N THR A 217 -5.49 -19.47 -6.70
CA THR A 217 -5.71 -20.48 -5.67
C THR A 217 -6.70 -20.04 -4.57
N ASP A 218 -6.81 -18.74 -4.32
CA ASP A 218 -7.76 -18.23 -3.31
C ASP A 218 -8.23 -16.84 -3.67
N ASP A 219 -9.45 -16.49 -3.29
CA ASP A 219 -9.97 -15.13 -3.50
C ASP A 219 -10.16 -14.44 -2.17
N LEU A 220 -9.65 -13.21 -2.05
CA LEU A 220 -9.84 -12.41 -0.85
C LEU A 220 -10.95 -11.38 -1.03
N VAL A 221 -10.90 -10.64 -2.14
CA VAL A 221 -11.87 -9.61 -2.45
C VAL A 221 -12.21 -9.68 -3.93
N SER A 222 -13.49 -9.90 -4.23
CA SER A 222 -13.92 -10.16 -5.60
C SER A 222 -15.44 -10.17 -5.68
N GLN A 223 -16.01 -9.01 -5.95
CA GLN A 223 -17.44 -8.90 -6.09
C GLN A 223 -17.87 -9.18 -7.53
N GLU A 224 -18.13 -10.43 -7.88
CA GLU A 224 -18.42 -10.75 -9.28
C GLU A 224 -19.90 -11.05 -9.60
N GLU A 225 -20.79 -10.75 -8.67
CA GLU A 225 -22.21 -10.97 -8.91
C GLU A 225 -22.90 -9.66 -9.29
N ASN A 226 -22.10 -8.60 -9.36
CA ASN A 226 -22.59 -7.25 -9.58
C ASN A 226 -22.48 -6.80 -11.03
N GLY A 227 -21.25 -6.72 -11.52
CA GLY A 227 -20.98 -6.29 -12.88
C GLY A 227 -20.11 -5.06 -12.91
N GLN A 228 -20.16 -4.25 -11.86
CA GLN A 228 -19.36 -3.03 -11.78
C GLN A 228 -18.11 -3.27 -10.93
N GLN A 229 -17.70 -4.53 -10.81
CA GLN A 229 -16.49 -4.89 -10.08
C GLN A 229 -15.30 -4.06 -10.54
N GLN A 230 -14.57 -3.48 -9.58
CA GLN A 230 -13.41 -2.67 -9.91
C GLN A 230 -12.09 -3.40 -9.61
N LYS A 231 -12.09 -4.23 -8.56
CA LYS A 231 -10.84 -4.87 -8.17
C LYS A 231 -11.01 -6.34 -7.90
N TYR A 232 -9.90 -7.05 -8.08
CA TYR A 232 -9.78 -8.41 -7.61
C TYR A 232 -8.53 -8.44 -6.74
N LEU A 233 -8.68 -8.86 -5.49
CA LEU A 233 -7.53 -9.17 -4.64
C LEU A 233 -7.57 -10.65 -4.32
N GLY A 234 -6.52 -11.36 -4.71
CA GLY A 234 -6.48 -12.79 -4.45
C GLY A 234 -5.08 -13.35 -4.40
N VAL A 235 -5.00 -14.66 -4.65
CA VAL A 235 -3.78 -15.43 -4.49
C VAL A 235 -3.54 -16.29 -5.73
N CYS A 236 -2.32 -16.31 -6.22
CA CYS A 236 -1.96 -17.15 -7.37
C CYS A 236 -0.71 -17.98 -7.09
N ARG A 237 -0.43 -18.94 -7.98
CA ARG A 237 0.82 -19.67 -7.94
C ARG A 237 1.19 -20.16 -9.34
N LEU A 238 2.39 -19.79 -9.77
CA LEU A 238 2.92 -20.26 -11.04
C LEU A 238 3.14 -21.76 -10.96
N PRO A 239 3.11 -22.46 -12.11
CA PRO A 239 3.27 -23.92 -12.07
C PRO A 239 4.73 -24.35 -11.88
N GLY A 240 4.91 -25.64 -11.59
CA GLY A 240 6.23 -26.19 -11.40
C GLY A 240 6.65 -26.19 -9.95
N PRO A 241 7.83 -26.76 -9.67
CA PRO A 241 8.36 -26.90 -8.31
C PRO A 241 8.98 -25.61 -7.80
N GLY A 242 9.13 -25.51 -6.50
CA GLY A 242 9.76 -24.34 -5.90
C GLY A 242 8.95 -23.07 -5.97
N ARG A 243 7.65 -23.19 -6.24
CA ARG A 243 6.78 -22.03 -6.33
C ARG A 243 6.05 -21.72 -5.03
N ARG A 244 5.96 -20.44 -4.69
CA ARG A 244 5.23 -20.00 -3.52
C ARG A 244 3.89 -19.36 -3.93
N HIS A 245 2.97 -19.24 -2.99
CA HIS A 245 1.74 -18.50 -3.25
C HIS A 245 2.03 -17.00 -3.20
N ARG A 246 1.54 -16.26 -4.20
CA ARG A 246 1.77 -14.82 -4.30
C ARG A 246 0.47 -14.02 -4.34
N ARG A 247 0.46 -12.88 -3.67
CA ARG A 247 -0.69 -12.00 -3.72
C ARG A 247 -0.82 -11.31 -5.07
N LEU A 248 -2.00 -11.42 -5.68
CA LEU A 248 -2.26 -10.80 -6.98
C LEU A 248 -3.42 -9.82 -6.84
N ASP A 249 -3.19 -8.59 -7.26
CA ASP A 249 -4.18 -7.53 -7.16
C ASP A 249 -4.41 -6.94 -8.55
N ILE A 250 -5.65 -7.03 -9.03
CA ILE A 250 -5.96 -6.59 -10.37
C ILE A 250 -7.05 -5.52 -10.34
N ILE A 251 -6.87 -4.47 -11.14
CA ILE A 251 -7.95 -3.50 -11.30
C ILE A 251 -8.22 -3.24 -12.77
N VAL A 252 -9.50 -3.08 -13.10
CA VAL A 252 -9.92 -2.83 -14.46
C VAL A 252 -10.57 -1.44 -14.48
N VAL A 253 -10.05 -0.56 -15.33
CA VAL A 253 -10.51 0.84 -15.33
C VAL A 253 -10.95 1.33 -16.71
N PRO A 254 -11.88 2.32 -16.76
CA PRO A 254 -12.22 2.99 -18.03
C PRO A 254 -11.00 3.73 -18.59
N TYR A 255 -10.82 3.70 -19.91
CA TYR A 255 -9.64 4.31 -20.52
C TYR A 255 -9.41 5.76 -20.08
N SER A 256 -10.47 6.56 -19.97
CA SER A 256 -10.30 7.96 -19.58
C SER A 256 -9.73 8.08 -18.18
N GLU A 257 -9.82 7.03 -17.38
CA GLU A 257 -9.25 7.03 -16.04
C GLU A 257 -7.85 6.42 -15.96
N PHE A 258 -7.28 6.04 -17.10
CA PHE A 258 -6.04 5.25 -17.13
C PHE A 258 -4.87 5.94 -16.40
N ALA A 259 -4.57 7.17 -16.77
CA ALA A 259 -3.43 7.85 -16.16
C ALA A 259 -3.58 7.99 -14.65
N CYS A 260 -4.77 8.38 -14.17
CA CYS A 260 -4.97 8.49 -12.73
C CYS A 260 -4.90 7.14 -12.02
N ALA A 261 -5.42 6.10 -12.67
CA ALA A 261 -5.37 4.74 -12.10
C ALA A 261 -3.94 4.20 -12.09
N LEU A 262 -3.17 4.52 -13.12
CA LEU A 262 -1.77 4.15 -13.23
C LEU A 262 -0.97 4.80 -12.12
N LEU A 263 -1.15 6.11 -11.97
CA LEU A 263 -0.49 6.89 -10.95
C LEU A 263 -0.79 6.32 -9.57
N TYR A 264 -2.07 6.14 -9.27
CA TYR A 264 -2.48 5.54 -8.00
C TYR A 264 -1.86 4.15 -7.75
N PHE A 265 -1.96 3.26 -8.73
CA PHE A 265 -1.56 1.88 -8.53
C PHE A 265 -0.04 1.73 -8.53
N THR A 266 0.66 2.72 -9.05
CA THR A 266 2.14 2.75 -9.01
C THR A 266 2.66 3.26 -7.67
N GLY A 267 1.96 4.21 -7.09
CA GLY A 267 2.33 4.71 -5.78
C GLY A 267 3.70 5.40 -5.74
N SER A 268 4.42 5.36 -4.60
CA SER A 268 4.05 4.63 -3.39
C SER A 268 2.81 5.17 -2.66
N ALA A 269 2.40 4.46 -1.60
CA ALA A 269 1.28 4.92 -0.79
C ALA A 269 1.52 6.33 -0.23
N HIS A 270 2.69 6.54 0.36
CA HIS A 270 2.99 7.87 0.89
C HIS A 270 3.00 8.91 -0.23
N PHE A 271 3.53 8.54 -1.39
CA PHE A 271 3.56 9.43 -2.52
C PHE A 271 2.14 9.84 -2.93
N ASN A 272 1.23 8.88 -2.99
CA ASN A 272 -0.17 9.22 -3.31
C ASN A 272 -0.77 10.19 -2.32
N ARG A 273 -0.61 9.88 -1.04
CA ARG A 273 -1.20 10.70 0.02
C ARG A 273 -0.65 12.11 -0.09
N SER A 274 0.66 12.21 -0.28
CA SER A 274 1.33 13.50 -0.42
C SER A 274 0.79 14.27 -1.64
N MET A 275 0.56 13.57 -2.74
CA MET A 275 0.08 14.20 -3.94
C MET A 275 -1.37 14.67 -3.76
N ARG A 276 -2.17 13.85 -3.12
CA ARG A 276 -3.57 14.16 -2.88
C ARG A 276 -3.68 15.32 -1.87
N ALA A 277 -2.80 15.34 -0.87
CA ALA A 277 -2.71 16.47 0.06
C ALA A 277 -2.46 17.78 -0.69
N LEU A 278 -1.48 17.77 -1.58
CA LEU A 278 -1.16 18.97 -2.36
C LEU A 278 -2.35 19.43 -3.20
N ALA A 279 -3.01 18.47 -3.84
CA ALA A 279 -4.18 18.77 -4.66
C ALA A 279 -5.24 19.49 -3.84
N LYS A 280 -5.44 19.06 -2.60
CA LYS A 280 -6.46 19.69 -1.74
C LYS A 280 -6.09 21.13 -1.38
N THR A 281 -4.82 21.42 -1.15
CA THR A 281 -4.42 22.80 -0.86
C THR A 281 -4.74 23.72 -2.03
N LYS A 282 -4.90 23.15 -3.23
CA LYS A 282 -5.21 23.94 -4.42
C LYS A 282 -6.67 23.92 -4.79
N GLY A 283 -7.52 23.45 -3.87
CA GLY A 283 -8.93 23.30 -4.14
C GLY A 283 -9.23 22.26 -5.20
N MET A 284 -8.30 21.31 -5.36
CA MET A 284 -8.47 20.23 -6.32
C MET A 284 -8.62 18.91 -5.58
N SER A 285 -8.85 17.82 -6.31
CA SER A 285 -8.95 16.52 -5.66
C SER A 285 -8.47 15.45 -6.60
N LEU A 286 -7.62 14.58 -6.07
CA LEU A 286 -7.08 13.50 -6.88
C LEU A 286 -7.45 12.17 -6.29
N SER A 287 -7.95 11.28 -7.13
CA SER A 287 -8.21 9.92 -6.76
C SER A 287 -7.72 9.02 -7.87
N GLU A 288 -7.98 7.72 -7.71
CA GLU A 288 -7.65 6.71 -8.69
C GLU A 288 -8.56 6.84 -9.91
N HIS A 289 -9.68 7.56 -9.76
CA HIS A 289 -10.58 7.79 -10.88
C HIS A 289 -10.24 9.06 -11.68
N ALA A 290 -9.81 10.13 -11.02
CA ALA A 290 -9.70 11.41 -11.72
C ALA A 290 -9.00 12.50 -10.92
N LEU A 291 -8.52 13.50 -11.66
CA LEU A 291 -8.09 14.75 -11.07
C LEU A 291 -9.22 15.74 -11.27
N SER A 292 -9.68 16.34 -10.19
CA SER A 292 -10.80 17.28 -10.28
C SER A 292 -10.36 18.65 -9.80
N THR A 293 -10.96 19.68 -10.41
CA THR A 293 -10.70 21.07 -10.06
C THR A 293 -12.00 21.70 -9.55
N ALA A 294 -11.90 22.84 -8.88
CA ALA A 294 -13.06 23.55 -8.33
C ALA A 294 -13.83 22.71 -7.31
N VAL A 295 -13.11 21.91 -6.52
CA VAL A 295 -13.75 21.09 -5.51
C VAL A 295 -14.14 21.96 -4.33
N VAL A 296 -15.36 21.79 -3.86
CA VAL A 296 -15.85 22.59 -2.73
C VAL A 296 -15.78 21.79 -1.42
N ARG A 297 -15.05 22.32 -0.46
CA ARG A 297 -14.91 21.66 0.84
C ARG A 297 -15.30 22.56 2.00
N ASN A 298 -15.75 21.96 3.11
CA ASN A 298 -16.07 22.72 4.31
C ASN A 298 -14.82 23.01 5.12
N THR A 299 -14.98 23.59 6.31
CA THR A 299 -13.81 24.02 7.07
C THR A 299 -13.06 22.84 7.64
N HIS A 300 -13.71 21.67 7.64
CA HIS A 300 -13.10 20.45 8.13
C HIS A 300 -12.41 19.67 7.02
N GLY A 301 -12.31 20.31 5.85
CA GLY A 301 -11.64 19.72 4.71
C GLY A 301 -12.40 18.60 4.02
N CYS A 302 -13.72 18.58 4.18
CA CYS A 302 -14.55 17.54 3.60
C CYS A 302 -15.26 18.02 2.34
N LYS A 303 -15.23 17.20 1.30
CA LYS A 303 -15.88 17.52 0.03
C LYS A 303 -17.38 17.67 0.23
N VAL A 304 -17.89 18.86 -0.07
CA VAL A 304 -19.33 19.12 0.05
C VAL A 304 -19.89 19.48 -1.34
N GLY A 305 -18.98 19.77 -2.28
CA GLY A 305 -19.36 20.02 -3.66
C GLY A 305 -18.39 19.33 -4.62
N PRO A 306 -18.91 18.85 -5.76
CA PRO A 306 -18.18 17.91 -6.64
C PRO A 306 -16.92 18.46 -7.36
N GLY A 307 -17.01 19.63 -7.98
CA GLY A 307 -15.95 20.09 -8.85
C GLY A 307 -16.11 19.48 -10.25
N ARG A 308 -15.09 19.65 -11.09
CA ARG A 308 -15.13 19.11 -12.45
C ARG A 308 -13.91 18.25 -12.73
N VAL A 309 -14.10 17.14 -13.45
CA VAL A 309 -13.00 16.31 -13.87
C VAL A 309 -12.16 17.01 -14.93
N LEU A 310 -10.83 16.97 -14.75
CA LEU A 310 -9.88 17.50 -15.72
C LEU A 310 -9.37 16.40 -16.60
N PRO A 311 -9.29 16.67 -17.92
CA PRO A 311 -8.75 15.70 -18.86
C PRO A 311 -7.31 15.38 -18.47
N THR A 312 -7.00 14.11 -18.24
CA THR A 312 -5.63 13.73 -17.92
C THR A 312 -5.25 12.48 -18.69
N PRO A 313 -4.87 12.65 -19.96
CA PRO A 313 -4.55 11.49 -20.80
C PRO A 313 -3.28 10.78 -20.35
N THR A 314 -2.36 11.51 -19.72
CA THR A 314 -1.11 10.86 -19.26
C THR A 314 -0.79 11.25 -17.83
N GLU A 315 0.13 10.50 -17.22
CA GLU A 315 0.60 10.84 -15.88
C GLU A 315 1.15 12.25 -15.85
N LYS A 316 1.86 12.62 -16.92
CA LYS A 316 2.52 13.91 -16.99
C LYS A 316 1.51 15.06 -16.90
N ASP A 317 0.32 14.84 -17.45
CA ASP A 317 -0.76 15.83 -17.34
C ASP A 317 -1.17 16.07 -15.89
N VAL A 318 -1.24 15.00 -15.10
CA VAL A 318 -1.64 15.12 -13.69
C VAL A 318 -0.66 15.98 -12.92
N PHE A 319 0.63 15.68 -13.08
CA PHE A 319 1.69 16.49 -12.51
C PHE A 319 1.55 17.93 -12.98
N ARG A 320 1.40 18.10 -14.31
CA ARG A 320 1.38 19.40 -14.93
C ARG A 320 0.25 20.25 -14.33
N LEU A 321 -0.95 19.66 -14.29
CA LEU A 321 -2.12 20.33 -13.78
C LEU A 321 -2.00 20.67 -12.29
N LEU A 322 -1.11 19.97 -11.59
CA LEU A 322 -0.88 20.28 -10.16
C LEU A 322 0.29 21.24 -9.91
N GLY A 323 0.88 21.75 -10.98
CA GLY A 323 2.02 22.64 -10.86
C GLY A 323 3.26 21.94 -10.30
N LEU A 324 3.48 20.70 -10.72
CA LEU A 324 4.55 19.86 -10.19
C LEU A 324 5.49 19.38 -11.28
N PRO A 325 6.80 19.35 -11.00
CA PRO A 325 7.69 18.69 -11.96
C PRO A 325 7.34 17.20 -12.04
N TYR A 326 7.42 16.62 -13.23
CA TYR A 326 7.20 15.19 -13.39
C TYR A 326 8.19 14.39 -12.56
N ARG A 327 7.74 13.24 -12.07
CA ARG A 327 8.62 12.33 -11.35
C ARG A 327 8.42 10.93 -11.89
N GLU A 328 9.51 10.32 -12.34
CA GLU A 328 9.48 8.95 -12.87
C GLU A 328 9.11 8.01 -11.73
N PRO A 329 8.46 6.87 -12.06
CA PRO A 329 8.01 5.90 -11.05
C PRO A 329 9.09 5.52 -10.04
N ALA A 330 10.33 5.27 -10.45
CA ALA A 330 11.39 4.94 -9.49
C ALA A 330 11.67 6.08 -8.51
N GLU A 331 11.26 7.29 -8.84
CA GLU A 331 11.49 8.41 -7.95
C GLU A 331 10.30 8.69 -7.00
N ARG A 332 9.34 7.77 -6.98
CA ARG A 332 8.12 7.98 -6.20
C ARG A 332 8.04 7.15 -4.91
N ASP A 333 9.19 6.82 -4.32
CA ASP A 333 9.18 5.98 -3.11
C ASP A 333 8.60 6.75 -1.93
N TRP A 334 8.80 8.07 -1.96
CA TRP A 334 8.26 8.93 -0.91
C TRP A 334 7.76 10.22 -1.53
P 8OG D 6 -8.44 13.97 -0.10
OP1 8OG D 6 -8.45 15.13 -1.06
OP2 8OG D 6 -9.04 14.26 1.25
O5' 8OG D 6 -9.09 12.69 -0.77
C5' 8OG D 6 -8.73 12.38 -2.09
C4' 8OG D 6 -9.23 11.01 -2.45
O4' 8OG D 6 -8.48 9.91 -1.54
C3' 8OG D 6 -10.53 10.88 -2.27
O3' 8OG D 6 -11.07 10.23 -3.48
C2' 8OG D 6 -10.67 9.86 -1.11
C1' 8OG D 6 -9.41 9.02 -1.31
N9 8OG D 6 -9.03 8.24 -0.17
C8 8OG D 6 -9.11 8.55 1.27
N7 8OG D 6 -8.57 7.39 2.01
C5 8OG D 6 -8.16 6.47 1.04
C6 8OG D 6 -7.53 5.13 1.17
O6 8OG D 6 -7.29 4.67 2.28
N1 8OG D 6 -7.23 4.41 0.00
C2 8OG D 6 -7.51 4.96 -1.30
N2 8OG D 6 -7.20 4.23 -2.48
N3 8OG D 6 -8.12 6.25 -1.42
C4 8OG D 6 -8.43 6.97 -0.24
O8 8OG D 6 -9.55 9.56 1.75
C1 CIT E . 3.84 -4.88 -0.06
O1 CIT E . 2.99 -5.69 -0.53
O2 CIT E . 4.78 -5.30 0.64
C2 CIT E . 3.78 -3.39 -0.34
C3 CIT E . 3.75 -3.16 -1.83
O7 CIT E . 2.62 -3.84 -2.31
C4 CIT E . 3.61 -1.65 -2.00
C5 CIT E . 3.79 -1.07 -3.40
O3 CIT E . 3.74 -1.79 -4.42
O4 CIT E . 3.99 0.17 -3.52
C6 CIT E . 5.04 -3.68 -2.44
O5 CIT E . 5.05 -4.70 -3.20
O6 CIT E . 6.13 -3.10 -2.20
NA NA F . -3.61 -7.78 8.61
NA NA G . 2.51 -3.88 -4.76
#